data_6GNR
#
_entry.id   6GNR
#
_cell.length_a   59.678
_cell.length_b   59.678
_cell.length_c   115.701
_cell.angle_alpha   90.00
_cell.angle_beta   90.00
_cell.angle_gamma   120.00
#
_symmetry.space_group_name_H-M   'P 31 2 1'
#
loop_
_entity.id
_entity.type
_entity.pdbx_description
1 polymer Transthyretin
2 non-polymer '2-(3-chloro-2-methylanilino)pyridine-3-carboxylic acid'
3 water water
#
_entity_poly.entity_id   1
_entity_poly.type   'polypeptide(L)'
_entity_poly.pdbx_seq_one_letter_code
;GAMAPTPTDKHGGSDTRCPLMVKILDAVKGTPAGSVALKVSQKTADGGWTQIATGVTDATGEIHNLITEQQFPAGVYRVE
FDTKAYWTNQGSTPFHEVAEVVFDAHPEGHRHYTLALLLSPFSYTTTAVVSSVHE
;
_entity_poly.pdbx_strand_id   A,B
#
# COMPACT_ATOMS: atom_id res chain seq x y z
N CYS A 18 -18.57 1.03 15.53
CA CYS A 18 -17.20 1.29 15.08
C CYS A 18 -17.14 1.44 13.56
N PRO A 19 -16.56 2.54 13.07
CA PRO A 19 -16.60 2.83 11.63
C PRO A 19 -15.46 2.26 10.80
N LEU A 20 -14.43 1.69 11.43
CA LEU A 20 -13.23 1.24 10.72
C LEU A 20 -12.86 -0.16 11.20
N MET A 21 -12.92 -1.12 10.28
N MET A 21 -12.88 -1.13 10.28
CA MET A 21 -12.64 -2.53 10.52
CA MET A 21 -12.57 -2.51 10.58
C MET A 21 -11.52 -2.98 9.59
C MET A 21 -11.55 -3.02 9.57
N VAL A 22 -10.80 -4.04 9.99
CA VAL A 22 -9.84 -4.71 9.13
C VAL A 22 -10.15 -6.20 9.08
N LYS A 23 -9.71 -6.85 8.01
CA LYS A 23 -9.81 -8.31 7.90
C LYS A 23 -8.60 -8.77 7.10
N ILE A 24 -7.66 -9.43 7.77
CA ILE A 24 -6.40 -9.84 7.15
C ILE A 24 -6.36 -11.35 7.02
N LEU A 25 -6.01 -11.83 5.83
CA LEU A 25 -5.89 -13.25 5.53
C LEU A 25 -4.47 -13.58 5.05
N ASP A 26 -4.07 -14.81 5.31
CA ASP A 26 -2.75 -15.36 4.99
C ASP A 26 -2.94 -16.34 3.83
N ALA A 27 -2.37 -15.99 2.68
CA ALA A 27 -2.49 -16.76 1.44
C ALA A 27 -1.52 -17.94 1.33
N VAL A 28 -0.64 -18.11 2.32
CA VAL A 28 0.25 -19.26 2.36
C VAL A 28 -0.39 -20.41 3.15
N LYS A 29 -0.92 -20.09 4.34
CA LYS A 29 -1.49 -21.10 5.22
C LYS A 29 -2.98 -21.27 5.08
N GLY A 30 -3.69 -20.31 4.48
CA GLY A 30 -5.14 -20.42 4.40
C GLY A 30 -5.85 -20.18 5.71
N THR A 31 -5.41 -19.17 6.47
CA THR A 31 -5.98 -18.81 7.75
C THR A 31 -6.08 -17.31 7.78
N PRO A 32 -6.84 -16.74 8.70
CA PRO A 32 -6.67 -15.33 9.00
C PRO A 32 -5.26 -15.09 9.52
N ALA A 33 -4.79 -13.87 9.32
CA ALA A 33 -3.44 -13.48 9.76
C ALA A 33 -3.53 -12.89 11.15
N GLY A 34 -3.17 -13.71 12.14
CA GLY A 34 -3.22 -13.30 13.52
C GLY A 34 -1.95 -12.59 13.93
N SER A 35 -2.08 -11.70 14.91
CA SER A 35 -0.97 -11.01 15.53
C SER A 35 -0.19 -10.11 14.56
N VAL A 36 -0.91 -9.46 13.63
CA VAL A 36 -0.34 -8.42 12.79
C VAL A 36 -0.53 -7.08 13.48
N ALA A 37 0.58 -6.36 13.72
CA ALA A 37 0.52 -5.03 14.29
C ALA A 37 0.16 -4.00 13.22
N LEU A 38 -0.62 -2.99 13.60
CA LEU A 38 -0.98 -1.92 12.68
C LEU A 38 -1.10 -0.60 13.44
N LYS A 39 -1.11 0.48 12.67
N LYS A 39 -1.08 0.49 12.68
CA LYS A 39 -1.27 1.83 13.18
CA LYS A 39 -1.34 1.81 13.24
C LYS A 39 -2.24 2.58 12.26
C LYS A 39 -2.22 2.58 12.27
N VAL A 40 -3.09 3.39 12.87
CA VAL A 40 -4.03 4.25 12.14
C VAL A 40 -3.63 5.70 12.38
N SER A 41 -3.49 6.47 11.30
CA SER A 41 -3.11 7.87 11.38
C SER A 41 -4.05 8.73 10.53
N GLN A 42 -4.23 9.97 10.97
N GLN A 42 -4.16 10.00 10.92
CA GLN A 42 -5.03 10.96 10.27
CA GLN A 42 -5.03 10.98 10.30
C GLN A 42 -4.09 12.02 9.70
C GLN A 42 -4.15 12.10 9.74
N LYS A 43 -4.36 12.43 8.46
CA LYS A 43 -3.52 13.41 7.81
C LYS A 43 -3.77 14.80 8.40
N THR A 44 -2.69 15.56 8.58
CA THR A 44 -2.77 16.93 9.07
C THR A 44 -2.66 17.91 7.90
N ALA A 45 -3.00 19.16 8.19
CA ALA A 45 -3.05 20.19 7.15
C ALA A 45 -1.70 20.42 6.50
N ASP A 46 -0.61 20.32 7.26
CA ASP A 46 0.70 20.53 6.69
C ASP A 46 1.29 19.28 6.06
N GLY A 47 0.47 18.25 5.85
CA GLY A 47 0.93 17.05 5.18
C GLY A 47 1.51 16.01 6.09
N GLY A 48 1.45 16.21 7.40
CA GLY A 48 1.93 15.24 8.35
C GLY A 48 0.83 14.26 8.71
N TRP A 49 1.12 13.47 9.74
CA TRP A 49 0.27 12.36 10.17
C TRP A 49 0.19 12.36 11.69
N THR A 50 -1.02 12.24 12.20
CA THR A 50 -1.28 12.11 13.63
C THR A 50 -1.72 10.68 13.91
N GLN A 51 -0.96 9.96 14.74
CA GLN A 51 -1.38 8.62 15.13
C GLN A 51 -2.62 8.71 16.00
N ILE A 52 -3.66 7.97 15.63
CA ILE A 52 -4.89 7.97 16.40
C ILE A 52 -5.21 6.63 17.05
N ALA A 53 -4.67 5.53 16.56
CA ALA A 53 -4.94 4.23 17.16
C ALA A 53 -3.87 3.26 16.72
N THR A 54 -3.68 2.23 17.54
CA THR A 54 -2.83 1.09 17.21
C THR A 54 -3.51 -0.17 17.69
N GLY A 55 -3.05 -1.31 17.16
CA GLY A 55 -3.51 -2.59 17.66
C GLY A 55 -2.83 -3.74 16.95
N VAL A 56 -3.20 -4.94 17.37
CA VAL A 56 -2.65 -6.19 16.86
C VAL A 56 -3.83 -7.11 16.54
N THR A 57 -3.86 -7.67 15.33
CA THR A 57 -5.02 -8.49 14.98
C THR A 57 -5.13 -9.71 15.90
N ASP A 58 -6.37 -10.12 16.14
CA ASP A 58 -6.68 -11.36 16.81
C ASP A 58 -6.57 -12.54 15.85
N ALA A 59 -6.92 -13.73 16.32
CA ALA A 59 -6.79 -14.92 15.49
C ALA A 59 -7.75 -14.95 14.32
N THR A 60 -8.75 -14.07 14.29
CA THR A 60 -9.63 -13.94 13.13
C THR A 60 -9.15 -12.90 12.14
N GLY A 61 -7.97 -12.33 12.34
CA GLY A 61 -7.48 -11.30 11.44
C GLY A 61 -8.14 -9.94 11.60
N GLU A 62 -8.73 -9.67 12.77
CA GLU A 62 -9.53 -8.48 13.01
C GLU A 62 -9.04 -7.76 14.25
N ILE A 63 -9.46 -6.49 14.38
CA ILE A 63 -9.32 -5.74 15.63
C ILE A 63 -10.68 -5.13 15.94
N HIS A 64 -11.32 -5.60 16.99
N HIS A 64 -11.33 -5.63 16.97
CA HIS A 64 -12.66 -5.12 17.30
CA HIS A 64 -12.64 -5.12 17.35
C HIS A 64 -12.62 -3.77 18.01
C HIS A 64 -12.52 -3.70 17.90
N ASN A 65 -13.52 -2.88 17.60
CA ASN A 65 -13.63 -1.53 18.16
C ASN A 65 -12.31 -0.76 18.06
N LEU A 66 -11.74 -0.76 16.87
CA LEU A 66 -10.43 -0.15 16.66
C LEU A 66 -10.44 1.34 17.01
N ILE A 67 -11.47 2.07 16.54
CA ILE A 67 -11.64 3.49 16.85
C ILE A 67 -13.13 3.76 17.05
N THR A 68 -13.42 4.92 17.64
CA THR A 68 -14.80 5.35 17.81
C THR A 68 -15.21 6.28 16.67
N GLU A 69 -16.52 6.54 16.58
CA GLU A 69 -17.00 7.51 15.60
C GLU A 69 -16.44 8.91 15.87
N GLN A 70 -16.30 9.29 17.14
CA GLN A 70 -15.78 10.62 17.45
C GLN A 70 -14.33 10.77 16.99
N GLN A 71 -13.58 9.66 16.96
CA GLN A 71 -12.20 9.67 16.48
C GLN A 71 -12.10 9.67 14.96
N PHE A 72 -13.21 9.61 14.25
CA PHE A 72 -13.20 9.35 12.80
C PHE A 72 -13.97 10.44 12.06
N PRO A 73 -13.54 11.70 12.17
CA PRO A 73 -14.13 12.76 11.33
C PRO A 73 -13.70 12.59 9.88
N ALA A 74 -14.40 13.31 9.02
CA ALA A 74 -14.03 13.31 7.60
C ALA A 74 -12.58 13.74 7.45
N GLY A 75 -11.87 13.07 6.54
CA GLY A 75 -10.49 13.40 6.25
C GLY A 75 -9.77 12.19 5.70
N VAL A 76 -8.47 12.37 5.47
CA VAL A 76 -7.62 11.32 4.91
C VAL A 76 -6.99 10.54 6.03
N TYR A 77 -7.04 9.22 5.91
CA TYR A 77 -6.49 8.30 6.89
C TYR A 77 -5.49 7.35 6.23
N ARG A 78 -4.52 6.92 7.02
CA ARG A 78 -3.55 5.91 6.61
C ARG A 78 -3.58 4.79 7.63
N VAL A 79 -3.70 3.55 7.17
CA VAL A 79 -3.53 2.38 8.02
C VAL A 79 -2.29 1.66 7.53
N GLU A 80 -1.31 1.53 8.44
CA GLU A 80 -0.02 0.91 8.15
C GLU A 80 0.00 -0.43 8.86
N PHE A 81 0.14 -1.51 8.09
CA PHE A 81 0.16 -2.86 8.61
C PHE A 81 1.59 -3.38 8.57
N ASP A 82 2.09 -3.87 9.71
CA ASP A 82 3.48 -4.36 9.78
C ASP A 82 3.54 -5.80 9.32
N THR A 83 3.52 -5.96 8.01
CA THR A 83 3.54 -7.28 7.40
C THR A 83 4.91 -7.92 7.46
N LYS A 84 5.99 -7.11 7.49
CA LYS A 84 7.34 -7.66 7.50
C LYS A 84 7.55 -8.54 8.74
N ALA A 85 7.15 -8.04 9.92
CA ALA A 85 7.32 -8.81 11.14
C ALA A 85 6.46 -10.07 11.09
N TYR A 86 5.27 -9.99 10.51
CA TYR A 86 4.41 -11.16 10.41
C TYR A 86 5.10 -12.27 9.65
N TRP A 87 5.70 -11.96 8.50
CA TRP A 87 6.37 -12.99 7.70
C TRP A 87 7.63 -13.49 8.38
N THR A 88 8.41 -12.60 9.02
CA THR A 88 9.61 -13.06 9.72
C THR A 88 9.24 -14.10 10.77
N ASN A 89 8.15 -13.86 11.51
CA ASN A 89 7.72 -14.81 12.52
C ASN A 89 7.26 -16.14 11.91
N GLN A 90 6.67 -16.10 10.71
CA GLN A 90 6.26 -17.31 10.02
C GLN A 90 7.43 -18.06 9.42
N GLY A 91 8.61 -17.48 9.38
CA GLY A 91 9.77 -18.12 8.79
C GLY A 91 9.98 -17.81 7.33
N SER A 92 9.25 -16.85 6.79
CA SER A 92 9.35 -16.49 5.38
C SER A 92 10.16 -15.21 5.24
N THR A 93 10.71 -15.03 4.06
CA THR A 93 11.44 -13.82 3.74
C THR A 93 10.48 -12.85 3.05
N PRO A 94 10.14 -11.72 3.65
CA PRO A 94 9.17 -10.81 3.00
C PRO A 94 9.84 -9.81 2.08
N PHE A 95 9.06 -9.33 1.12
CA PHE A 95 9.47 -8.23 0.26
C PHE A 95 9.16 -6.86 0.87
N HIS A 96 7.91 -6.63 1.25
CA HIS A 96 7.49 -5.30 1.67
C HIS A 96 7.86 -5.04 3.13
N GLU A 97 8.15 -3.76 3.42
CA GLU A 97 8.30 -3.34 4.82
C GLU A 97 6.95 -3.36 5.54
N VAL A 98 5.94 -2.81 4.88
CA VAL A 98 4.61 -2.65 5.44
C VAL A 98 3.64 -2.75 4.28
N ALA A 99 2.37 -2.87 4.59
CA ALA A 99 1.31 -2.62 3.64
C ALA A 99 0.62 -1.34 4.10
N GLU A 100 0.47 -0.39 3.20
CA GLU A 100 -0.15 0.90 3.51
C GLU A 100 -1.48 1.00 2.79
N VAL A 101 -2.52 1.44 3.50
CA VAL A 101 -3.80 1.74 2.89
C VAL A 101 -4.18 3.17 3.24
N VAL A 102 -4.32 4.01 2.23
CA VAL A 102 -4.57 5.45 2.40
C VAL A 102 -5.85 5.82 1.67
N PHE A 103 -6.77 6.49 2.36
CA PHE A 103 -8.08 6.76 1.77
C PHE A 103 -8.71 7.98 2.44
N ASP A 104 -9.59 8.65 1.68
CA ASP A 104 -10.37 9.77 2.19
C ASP A 104 -11.69 9.21 2.76
N ALA A 105 -11.94 9.48 4.02
CA ALA A 105 -13.12 8.98 4.72
C ALA A 105 -14.23 10.03 4.71
N HIS A 106 -15.45 9.55 4.49
CA HIS A 106 -16.67 10.38 4.47
C HIS A 106 -17.66 9.71 5.40
N PRO A 107 -17.49 9.88 6.72
CA PRO A 107 -18.21 9.04 7.68
C PRO A 107 -19.66 9.43 7.94
N GLU A 108 -20.20 10.44 7.25
N GLU A 108 -20.20 10.45 7.28
CA GLU A 108 -21.58 10.85 7.48
CA GLU A 108 -21.56 10.86 7.62
C GLU A 108 -22.53 9.67 7.34
C GLU A 108 -22.55 9.74 7.32
N GLY A 109 -23.61 9.69 8.12
CA GLY A 109 -24.62 8.66 8.01
C GLY A 109 -24.15 7.31 8.50
N HIS A 110 -23.17 7.28 9.40
CA HIS A 110 -22.65 6.03 9.96
C HIS A 110 -22.10 5.11 8.87
N ARG A 111 -21.52 5.69 7.82
CA ARG A 111 -20.84 4.91 6.80
C ARG A 111 -19.65 4.19 7.44
N HIS A 112 -19.50 2.91 7.09
CA HIS A 112 -18.49 2.04 7.66
C HIS A 112 -17.50 1.59 6.59
N TYR A 113 -16.26 1.39 7.02
CA TYR A 113 -15.15 1.00 6.14
C TYR A 113 -14.52 -0.28 6.67
N THR A 114 -14.41 -1.29 5.81
CA THR A 114 -13.67 -2.51 6.11
C THR A 114 -12.50 -2.61 5.12
N LEU A 115 -11.29 -2.68 5.67
CA LEU A 115 -10.08 -2.81 4.89
C LEU A 115 -9.69 -4.28 4.87
N ALA A 116 -9.88 -4.92 3.72
CA ALA A 116 -9.54 -6.33 3.54
C ALA A 116 -8.13 -6.43 2.96
N LEU A 117 -7.36 -7.37 3.46
CA LEU A 117 -5.96 -7.48 3.10
C LEU A 117 -5.60 -8.95 3.01
N LEU A 118 -5.00 -9.36 1.89
CA LEU A 118 -4.59 -10.73 1.65
C LEU A 118 -3.08 -10.76 1.44
N LEU A 119 -2.38 -11.50 2.29
CA LEU A 119 -0.93 -11.42 2.39
C LEU A 119 -0.22 -12.66 1.87
N SER A 120 0.83 -12.45 1.09
CA SER A 120 1.82 -13.44 0.72
C SER A 120 3.19 -12.82 0.95
N PRO A 121 4.25 -13.62 1.03
CA PRO A 121 5.55 -13.01 1.36
C PRO A 121 5.99 -11.93 0.38
N PHE A 122 5.71 -12.08 -0.91
CA PHE A 122 6.12 -11.08 -1.89
C PHE A 122 4.96 -10.31 -2.50
N SER A 123 3.76 -10.38 -1.91
N SER A 123 3.76 -10.41 -1.93
CA SER A 123 2.60 -9.76 -2.54
CA SER A 123 2.62 -9.70 -2.50
C SER A 123 1.49 -9.51 -1.53
C SER A 123 1.58 -9.40 -1.43
N TYR A 124 0.72 -8.44 -1.75
CA TYR A 124 -0.54 -8.31 -1.04
C TYR A 124 -1.61 -7.76 -1.97
N THR A 125 -2.85 -8.11 -1.66
CA THR A 125 -4.03 -7.55 -2.27
C THR A 125 -4.80 -6.81 -1.19
N THR A 126 -5.24 -5.62 -1.51
N THR A 126 -5.17 -5.56 -1.50
CA THR A 126 -6.08 -4.92 -0.58
CA THR A 126 -6.00 -4.74 -0.63
C THR A 126 -7.29 -4.33 -1.28
C THR A 126 -7.31 -4.41 -1.35
N THR A 127 -8.43 -4.48 -0.63
CA THR A 127 -9.69 -3.97 -1.13
C THR A 127 -10.42 -3.33 0.02
N ALA A 128 -11.48 -2.59 -0.29
CA ALA A 128 -12.29 -1.97 0.73
C ALA A 128 -13.74 -2.34 0.50
N VAL A 129 -14.46 -2.54 1.59
CA VAL A 129 -15.91 -2.67 1.59
C VAL A 129 -16.44 -1.47 2.35
N VAL A 130 -17.21 -0.63 1.67
CA VAL A 130 -17.72 0.62 2.23
C VAL A 130 -19.25 0.55 2.15
N SER A 131 -19.90 0.78 3.28
CA SER A 131 -21.34 0.64 3.36
C SER A 131 -22.01 1.90 2.84
N SER A 132 -23.34 1.86 2.75
CA SER A 132 -24.11 3.06 2.47
C SER A 132 -25.49 2.92 3.08
N CYS B 18 19.15 -0.91 -15.52
CA CYS B 18 18.25 -0.17 -14.63
C CYS B 18 17.69 -1.12 -13.58
N PRO B 19 17.81 -0.75 -12.31
CA PRO B 19 17.48 -1.69 -11.23
C PRO B 19 16.04 -1.66 -10.75
N LEU B 20 15.22 -0.71 -11.19
CA LEU B 20 13.85 -0.58 -10.69
C LEU B 20 12.92 -0.33 -11.86
N MET B 21 11.99 -1.25 -12.05
N MET B 21 12.01 -1.27 -12.06
CA MET B 21 11.01 -1.19 -13.11
CA MET B 21 11.02 -1.28 -13.11
C MET B 21 9.63 -1.43 -12.53
C MET B 21 9.63 -1.37 -12.49
N VAL B 22 8.60 -1.05 -13.28
CA VAL B 22 7.21 -1.26 -12.89
C VAL B 22 6.46 -1.91 -14.04
N LYS B 23 5.36 -2.58 -13.69
CA LYS B 23 4.42 -3.10 -14.68
C LYS B 23 3.03 -2.98 -14.08
N ILE B 24 2.23 -2.09 -14.65
CA ILE B 24 0.93 -1.76 -14.10
C ILE B 24 -0.15 -2.20 -15.09
N LEU B 25 -1.11 -2.97 -14.60
CA LEU B 25 -2.25 -3.45 -15.37
C LEU B 25 -3.57 -2.93 -14.80
N ASP B 26 -4.53 -2.78 -15.69
CA ASP B 26 -5.88 -2.32 -15.37
C ASP B 26 -6.81 -3.51 -15.43
N ALA B 27 -7.40 -3.87 -14.28
CA ALA B 27 -8.22 -5.05 -14.10
C ALA B 27 -9.67 -4.84 -14.52
N VAL B 28 -10.04 -3.61 -14.91
CA VAL B 28 -11.36 -3.34 -15.45
C VAL B 28 -11.37 -3.54 -16.95
N LYS B 29 -10.44 -2.93 -17.67
CA LYS B 29 -10.49 -2.99 -19.12
C LYS B 29 -9.52 -4.00 -19.73
N GLY B 30 -8.67 -4.62 -18.93
CA GLY B 30 -7.82 -5.66 -19.49
C GLY B 30 -6.71 -5.13 -20.36
N THR B 31 -6.06 -4.04 -19.95
CA THR B 31 -4.95 -3.45 -20.67
C THR B 31 -3.91 -3.06 -19.66
N PRO B 32 -2.69 -2.75 -20.09
CA PRO B 32 -1.77 -2.06 -19.19
C PRO B 32 -2.38 -0.71 -18.82
N ALA B 33 -1.95 -0.18 -17.68
CA ALA B 33 -2.42 1.11 -17.20
C ALA B 33 -1.44 2.19 -17.66
N GLY B 34 -1.84 2.92 -18.70
CA GLY B 34 -1.01 3.99 -19.22
C GLY B 34 -1.21 5.29 -18.46
N SER B 35 -0.16 6.12 -18.48
CA SER B 35 -0.21 7.48 -17.92
C SER B 35 -0.45 7.49 -16.42
N VAL B 36 0.08 6.49 -15.70
CA VAL B 36 0.02 6.50 -14.23
C VAL B 36 1.28 7.21 -13.73
N ALA B 37 1.09 8.29 -12.99
CA ALA B 37 2.21 9.03 -12.41
C ALA B 37 2.72 8.33 -11.17
N LEU B 38 4.03 8.40 -10.96
CA LEU B 38 4.58 7.86 -9.72
C LEU B 38 5.78 8.68 -9.26
N LYS B 39 6.11 8.50 -7.98
CA LYS B 39 7.25 9.15 -7.33
C LYS B 39 7.99 8.07 -6.53
N VAL B 40 9.32 8.09 -6.63
CA VAL B 40 10.20 7.17 -5.92
C VAL B 40 10.93 7.95 -4.84
N SER B 41 10.91 7.44 -3.61
CA SER B 41 11.63 8.05 -2.50
C SER B 41 12.45 7.00 -1.76
N GLN B 42 13.56 7.44 -1.16
N GLN B 42 13.42 7.52 -1.00
CA GLN B 42 14.37 6.60 -0.28
CA GLN B 42 14.42 6.76 -0.28
C GLN B 42 14.30 7.13 1.14
C GLN B 42 14.35 7.18 1.19
N LYS B 43 14.20 6.22 2.09
CA LYS B 43 14.06 6.55 3.51
C LYS B 43 15.40 6.99 4.09
N THR B 44 15.38 8.06 4.86
CA THR B 44 16.59 8.59 5.49
C THR B 44 16.80 7.90 6.84
N ALA B 45 18.00 8.10 7.40
CA ALA B 45 18.35 7.45 8.66
C ALA B 45 17.41 7.87 9.78
N ASP B 46 16.92 9.12 9.77
CA ASP B 46 16.01 9.59 10.81
C ASP B 46 14.56 9.21 10.56
N GLY B 47 14.26 8.53 9.45
CA GLY B 47 12.92 8.06 9.18
C GLY B 47 12.11 8.91 8.23
N GLY B 48 12.71 9.96 7.65
CA GLY B 48 12.04 10.75 6.65
C GLY B 48 12.23 10.14 5.27
N TRP B 49 11.81 10.89 4.26
CA TRP B 49 11.82 10.42 2.89
C TRP B 49 12.44 11.48 2.00
N THR B 50 13.31 11.03 1.10
CA THR B 50 13.89 11.89 0.08
C THR B 50 13.40 11.42 -1.29
N GLN B 51 12.75 12.31 -2.04
CA GLN B 51 12.32 11.96 -3.38
C GLN B 51 13.54 11.90 -4.31
N ILE B 52 13.64 10.82 -5.08
CA ILE B 52 14.76 10.63 -5.98
C ILE B 52 14.37 10.54 -7.44
N ALA B 53 13.12 10.29 -7.77
CA ALA B 53 12.72 10.22 -9.16
C ALA B 53 11.22 10.34 -9.28
N THR B 54 10.78 10.74 -10.47
CA THR B 54 9.37 10.74 -10.84
C THR B 54 9.26 10.17 -12.25
N GLY B 55 8.06 9.73 -12.62
CA GLY B 55 7.83 9.25 -13.96
C GLY B 55 6.35 9.01 -14.19
N VAL B 56 6.03 8.62 -15.41
CA VAL B 56 4.66 8.35 -15.82
C VAL B 56 4.70 7.13 -16.73
N THR B 57 3.83 6.15 -16.49
CA THR B 57 3.86 4.95 -17.33
C THR B 57 3.47 5.26 -18.76
N ASP B 58 4.09 4.51 -19.68
CA ASP B 58 3.74 4.51 -21.09
C ASP B 58 2.54 3.58 -21.31
N ALA B 59 2.17 3.38 -22.58
CA ALA B 59 1.00 2.59 -22.89
C ALA B 59 1.18 1.10 -22.59
N THR B 60 2.41 0.66 -22.32
CA THR B 60 2.63 -0.70 -21.87
C THR B 60 2.62 -0.82 -20.35
N GLY B 61 2.34 0.27 -19.63
CA GLY B 61 2.29 0.19 -18.18
C GLY B 61 3.65 0.16 -17.53
N GLU B 62 4.67 0.68 -18.24
CA GLU B 62 6.05 0.61 -17.82
C GLU B 62 6.67 2.00 -17.82
N ILE B 63 7.81 2.11 -17.13
CA ILE B 63 8.65 3.32 -17.19
C ILE B 63 10.09 2.88 -17.39
N HIS B 64 10.69 3.28 -18.48
CA HIS B 64 12.06 2.89 -18.77
C HIS B 64 13.03 3.88 -18.14
N ASN B 65 14.14 3.34 -17.62
CA ASN B 65 15.22 4.15 -17.05
C ASN B 65 14.73 5.05 -15.92
N LEU B 66 13.97 4.46 -15.00
CA LEU B 66 13.41 5.22 -13.87
C LEU B 66 14.52 5.78 -12.98
N ILE B 67 15.51 4.95 -12.62
CA ILE B 67 16.69 5.38 -11.87
C ILE B 67 17.89 4.58 -12.37
N THR B 68 19.08 4.98 -11.94
CA THR B 68 20.32 4.29 -12.26
C THR B 68 20.79 3.46 -11.06
N GLU B 69 21.72 2.54 -11.31
CA GLU B 69 22.31 1.78 -10.22
C GLU B 69 22.99 2.69 -9.22
N GLN B 70 23.56 3.79 -9.71
CA GLN B 70 24.24 4.72 -8.83
C GLN B 70 23.28 5.40 -7.87
N GLN B 71 22.00 5.47 -8.23
CA GLN B 71 20.99 6.06 -7.36
C GLN B 71 20.32 5.04 -6.46
N PHE B 72 20.80 3.80 -6.43
CA PHE B 72 20.06 2.68 -5.81
C PHE B 72 20.93 1.87 -4.85
N PRO B 73 21.40 2.47 -3.78
CA PRO B 73 22.03 1.70 -2.70
C PRO B 73 20.97 0.91 -1.95
N ALA B 74 21.43 0.00 -1.11
CA ALA B 74 20.52 -0.73 -0.24
C ALA B 74 19.78 0.24 0.65
N GLY B 75 18.59 -0.16 1.06
CA GLY B 75 17.81 0.64 1.98
C GLY B 75 16.33 0.45 1.74
N VAL B 76 15.54 1.27 2.42
CA VAL B 76 14.09 1.24 2.30
C VAL B 76 13.68 2.27 1.27
N TYR B 77 12.85 1.84 0.32
CA TYR B 77 12.32 2.68 -0.74
C TYR B 77 10.80 2.64 -0.74
N ARG B 78 10.21 3.72 -1.24
CA ARG B 78 8.78 3.79 -1.43
C ARG B 78 8.50 4.26 -2.85
N VAL B 79 7.59 3.59 -3.52
CA VAL B 79 7.06 4.07 -4.79
C VAL B 79 5.60 4.41 -4.56
N GLU B 80 5.27 5.69 -4.78
N GLU B 80 5.25 5.65 -4.86
CA GLU B 80 3.91 6.20 -4.65
CA GLU B 80 3.92 6.18 -4.66
C GLU B 80 3.31 6.26 -6.05
C GLU B 80 3.25 6.33 -6.01
N PHE B 81 2.24 5.49 -6.28
CA PHE B 81 1.53 5.52 -7.56
C PHE B 81 0.26 6.34 -7.41
N ASP B 82 0.05 7.29 -8.32
CA ASP B 82 -1.12 8.18 -8.26
C ASP B 82 -2.33 7.49 -8.92
N THR B 83 -2.86 6.51 -8.19
CA THR B 83 -3.98 5.72 -8.70
C THR B 83 -5.28 6.50 -8.62
N LYS B 84 -5.40 7.45 -7.70
CA LYS B 84 -6.63 8.24 -7.63
C LYS B 84 -6.83 9.04 -8.91
N ALA B 85 -5.77 9.70 -9.39
CA ALA B 85 -5.86 10.43 -10.65
C ALA B 85 -6.13 9.49 -11.82
N TYR B 86 -5.51 8.31 -11.81
CA TYR B 86 -5.75 7.33 -12.89
C TYR B 86 -7.23 6.99 -12.98
N TRP B 87 -7.85 6.64 -11.85
CA TRP B 87 -9.26 6.22 -11.89
C TRP B 87 -10.19 7.38 -12.19
N THR B 88 -9.92 8.57 -11.64
CA THR B 88 -10.71 9.73 -12.01
C THR B 88 -10.66 9.95 -13.51
N ASN B 89 -9.49 9.79 -14.12
CA ASN B 89 -9.40 9.99 -15.55
C ASN B 89 -10.09 8.88 -16.32
N GLN B 90 -10.16 7.67 -15.77
CA GLN B 90 -10.90 6.60 -16.44
C GLN B 90 -12.39 6.77 -16.29
N GLY B 91 -12.83 7.62 -15.37
CA GLY B 91 -14.24 7.83 -15.12
C GLY B 91 -14.85 6.94 -14.08
N SER B 92 -14.06 6.39 -13.17
CA SER B 92 -14.55 5.50 -12.12
C SER B 92 -14.10 6.03 -10.77
N THR B 93 -15.02 6.15 -9.85
CA THR B 93 -14.69 6.65 -8.52
C THR B 93 -13.75 5.70 -7.79
N PRO B 94 -12.56 6.14 -7.37
CA PRO B 94 -11.65 5.26 -6.66
C PRO B 94 -11.80 5.34 -5.15
N PHE B 95 -11.30 4.29 -4.49
CA PHE B 95 -11.21 4.30 -3.04
C PHE B 95 -9.91 4.91 -2.51
N HIS B 96 -8.77 4.46 -3.03
CA HIS B 96 -7.49 4.80 -2.41
C HIS B 96 -7.04 6.17 -2.86
N GLU B 97 -6.40 6.89 -1.93
CA GLU B 97 -5.85 8.20 -2.23
C GLU B 97 -4.58 8.06 -3.05
N VAL B 98 -3.88 6.96 -2.85
CA VAL B 98 -2.61 6.66 -3.50
C VAL B 98 -2.37 5.18 -3.26
N ALA B 99 -1.49 4.58 -4.06
CA ALA B 99 -1.01 3.22 -3.78
C ALA B 99 0.49 3.33 -3.51
N GLU B 100 0.89 3.04 -2.28
CA GLU B 100 2.29 3.09 -1.89
C GLU B 100 2.84 1.67 -1.76
N VAL B 101 4.00 1.44 -2.34
CA VAL B 101 4.74 0.18 -2.23
C VAL B 101 6.06 0.48 -1.54
N VAL B 102 6.26 -0.10 -0.36
CA VAL B 102 7.40 0.20 0.49
C VAL B 102 8.17 -1.10 0.69
N PHE B 103 9.47 -1.09 0.37
CA PHE B 103 10.25 -2.33 0.35
C PHE B 103 11.72 -2.07 0.67
N ASP B 104 12.42 -3.07 1.22
N ASP B 104 12.34 -3.13 1.16
CA ASP B 104 13.86 -2.97 1.51
CA ASP B 104 13.77 -3.21 1.37
C ASP B 104 14.65 -3.62 0.37
C ASP B 104 14.44 -3.57 0.06
N ALA B 105 15.45 -2.81 -0.33
CA ALA B 105 16.25 -3.17 -1.48
C ALA B 105 17.60 -3.70 -1.04
N HIS B 106 18.05 -4.74 -1.75
CA HIS B 106 19.34 -5.41 -1.54
C HIS B 106 20.04 -5.54 -2.89
N PRO B 107 20.53 -4.43 -3.44
CA PRO B 107 20.99 -4.43 -4.84
C PRO B 107 22.28 -5.20 -5.08
N GLU B 108 23.05 -5.53 -4.06
CA GLU B 108 24.32 -6.22 -4.30
C GLU B 108 24.12 -7.35 -5.30
N GLY B 109 25.04 -7.46 -6.27
CA GLY B 109 24.95 -8.46 -7.30
C GLY B 109 24.09 -8.09 -8.48
N HIS B 110 23.87 -6.81 -8.70
CA HIS B 110 23.06 -6.34 -9.83
C HIS B 110 21.65 -6.91 -9.76
N ARG B 111 21.11 -7.02 -8.56
CA ARG B 111 19.76 -7.50 -8.39
C ARG B 111 18.80 -6.42 -8.86
N HIS B 112 17.82 -6.80 -9.68
CA HIS B 112 16.84 -5.88 -10.25
C HIS B 112 15.45 -6.17 -9.70
N TYR B 113 14.65 -5.12 -9.59
CA TYR B 113 13.32 -5.17 -8.99
C TYR B 113 12.28 -4.68 -9.98
N THR B 114 11.23 -5.49 -10.17
CA THR B 114 10.06 -5.06 -10.92
C THR B 114 8.87 -5.08 -9.98
N LEU B 115 8.23 -3.93 -9.86
CA LEU B 115 7.00 -3.81 -9.06
C LEU B 115 5.81 -3.99 -9.99
N ALA B 116 5.11 -5.09 -9.80
CA ALA B 116 3.91 -5.39 -10.57
C ALA B 116 2.70 -4.90 -9.77
N LEU B 117 1.75 -4.28 -10.47
CA LEU B 117 0.62 -3.64 -9.82
C LEU B 117 -0.61 -3.84 -10.68
N LEU B 118 -1.67 -4.38 -10.07
CA LEU B 118 -2.94 -4.67 -10.74
C LEU B 118 -4.03 -3.83 -10.11
N LEU B 119 -4.60 -2.91 -10.88
CA LEU B 119 -5.49 -1.89 -10.36
C LEU B 119 -6.97 -2.14 -10.66
N SER B 120 -7.81 -1.97 -9.65
CA SER B 120 -9.26 -1.82 -9.76
C SER B 120 -9.66 -0.60 -8.95
N PRO B 121 -10.88 -0.07 -9.18
CA PRO B 121 -11.21 1.20 -8.48
C PRO B 121 -11.14 1.10 -6.96
N PHE B 122 -11.54 -0.03 -6.38
CA PHE B 122 -11.54 -0.19 -4.94
C PHE B 122 -10.51 -1.19 -4.43
N SER B 123 -9.58 -1.62 -5.27
N SER B 123 -9.60 -1.65 -5.29
CA SER B 123 -8.63 -2.66 -4.87
CA SER B 123 -8.62 -2.63 -4.87
C SER B 123 -7.37 -2.61 -5.72
C SER B 123 -7.34 -2.46 -5.66
N TYR B 124 -6.26 -3.01 -5.13
CA TYR B 124 -5.08 -3.29 -5.93
C TYR B 124 -4.32 -4.47 -5.35
N THR B 125 -3.60 -5.13 -6.24
CA THR B 125 -2.67 -6.20 -5.90
C THR B 125 -1.29 -5.76 -6.31
N THR B 126 -0.33 -5.98 -5.44
N THR B 126 -0.32 -5.86 -5.37
CA THR B 126 1.02 -5.65 -5.81
CA THR B 126 1.09 -5.55 -5.59
C THR B 126 1.96 -6.76 -5.39
C THR B 126 1.91 -6.82 -5.39
N THR B 127 2.86 -7.07 -6.30
CA THR B 127 3.87 -8.11 -6.10
C THR B 127 5.18 -7.61 -6.67
N ALA B 128 6.22 -8.40 -6.47
CA ALA B 128 7.53 -8.04 -6.96
C ALA B 128 8.15 -9.23 -7.65
N VAL B 129 8.92 -8.95 -8.70
CA VAL B 129 9.80 -9.90 -9.35
C VAL B 129 11.22 -9.39 -9.13
N VAL B 130 12.03 -10.19 -8.45
CA VAL B 130 13.39 -9.82 -8.09
C VAL B 130 14.30 -10.82 -8.75
N SER B 131 15.25 -10.32 -9.54
CA SER B 131 16.13 -11.19 -10.32
C SER B 131 17.17 -11.78 -9.39
#